data_3UF3
#
_entry.id   3UF3
#
_cell.length_a   44.343
_cell.length_b   45.848
_cell.length_c   103.987
_cell.angle_alpha   90.00
_cell.angle_beta   90.00
_cell.angle_gamma   90.00
#
_symmetry.space_group_name_H-M   'P 21 21 21'
#
loop_
_entity.id
_entity.type
_entity.pdbx_description
1 polymer 'HIV-1 protease'
2 non-polymer 'YTTRIUM ION'
3 non-polymer GLYCEROL
4 water water
#
_entity_poly.entity_id   1
_entity_poly.type   'polypeptide(L)'
_entity_poly.pdbx_seq_one_letter_code
;PQITLWKRPFVTVKVGGQLKEALLDTGADNTIFEDINLPGRWKPKMVGGIGGFLKVREYDQVPIEIAGHKVIGTVLVGPT
PVNVIGRDTMTQIGATLNF
;
_entity_poly.pdbx_strand_id   A,B
#
loop_
_chem_comp.id
_chem_comp.type
_chem_comp.name
_chem_comp.formula
GOL non-polymer GLYCEROL 'C3 H8 O3'
Y1 non-polymer 'YTTRIUM ION' 'Y 2'
#
# COMPACT_ATOMS: atom_id res chain seq x y z
N PRO A 1 9.45 -2.15 -15.80
CA PRO A 1 10.28 -1.24 -15.00
C PRO A 1 10.63 -1.83 -13.65
N GLN A 2 11.66 -1.27 -13.05
CA GLN A 2 12.02 -1.58 -11.69
C GLN A 2 11.91 -0.28 -10.97
N ILE A 3 11.10 -0.28 -9.91
CA ILE A 3 10.73 0.96 -9.23
C ILE A 3 11.19 0.88 -7.76
N THR A 4 12.07 1.80 -7.38
CA THR A 4 12.58 1.88 -6.00
C THR A 4 11.54 2.66 -5.24
N LEU A 5 11.66 2.70 -3.91
CA LEU A 5 10.50 3.17 -3.13
C LEU A 5 10.91 4.33 -2.26
N TRP A 6 11.91 5.10 -2.76
CA TRP A 6 12.28 6.31 -2.02
C TRP A 6 11.22 7.45 -2.14
N LYS A 7 10.42 7.44 -3.23
CA LYS A 7 9.25 8.33 -3.38
C LYS A 7 7.99 7.47 -3.46
N ARG A 8 6.84 8.11 -3.26
CA ARG A 8 5.57 7.41 -3.51
C ARG A 8 5.53 6.92 -4.96
N PRO A 9 5.12 5.68 -5.21
CA PRO A 9 5.26 5.05 -6.56
C PRO A 9 4.02 5.37 -7.35
N PHE A 10 3.93 6.64 -7.76
CA PHE A 10 2.82 7.05 -8.68
C PHE A 10 3.17 6.76 -10.13
N VAL A 11 2.21 6.33 -10.91
CA VAL A 11 2.43 6.06 -12.32
C VAL A 11 1.24 6.68 -13.06
N THR A 12 1.49 7.05 -14.34
CA THR A 12 0.45 7.35 -15.30
C THR A 12 -0.21 6.06 -15.80
N VAL A 13 -1.53 6.12 -15.78
CA VAL A 13 -2.34 4.99 -16.18
CA VAL A 13 -2.40 5.01 -16.11
C VAL A 13 -3.45 5.48 -17.12
N LYS A 14 -3.69 4.67 -18.16
CA LYS A 14 -4.87 4.92 -18.99
C LYS A 14 -5.97 3.90 -18.61
N VAL A 15 -7.11 4.41 -18.17
CA VAL A 15 -8.18 3.55 -17.65
C VAL A 15 -9.48 3.88 -18.39
N GLY A 16 -10.04 2.87 -19.05
CA GLY A 16 -11.22 3.13 -19.87
C GLY A 16 -10.91 4.30 -20.82
N GLY A 17 -9.70 4.34 -21.37
CA GLY A 17 -9.41 5.40 -22.35
C GLY A 17 -9.10 6.75 -21.75
N GLN A 18 -9.02 6.89 -20.43
CA GLN A 18 -8.72 8.20 -19.82
C GLN A 18 -7.36 8.20 -19.08
N LEU A 19 -6.53 9.24 -19.27
CA LEU A 19 -5.18 9.36 -18.56
C LEU A 19 -5.25 9.88 -17.12
N LYS A 20 -4.66 9.14 -16.17
CA LYS A 20 -4.75 9.54 -14.74
C LYS A 20 -3.47 9.17 -14.06
N GLU A 21 -3.25 9.75 -12.88
CA GLU A 21 -2.15 9.37 -12.03
C GLU A 21 -2.65 8.47 -10.93
N ALA A 22 -1.92 7.42 -10.60
CA ALA A 22 -2.39 6.55 -9.52
C ALA A 22 -1.21 5.92 -8.79
N LEU A 23 -1.41 5.51 -7.53
CA LEU A 23 -0.33 5.03 -6.64
C LEU A 23 -0.33 3.52 -6.68
N LEU A 24 0.82 2.91 -6.90
CA LEU A 24 1.06 1.44 -6.87
C LEU A 24 1.04 1.07 -5.40
N ASP A 25 -0.03 0.37 -4.97
CA ASP A 25 -0.23 0.23 -3.53
C ASP A 25 -0.44 -1.22 -3.16
N THR A 26 0.62 -1.82 -2.69
CA THR A 26 0.57 -3.25 -2.29
C THR A 26 -0.29 -3.48 -1.03
N GLY A 27 -0.57 -2.43 -0.24
CA GLY A 27 -1.52 -2.55 0.87
C GLY A 27 -3.00 -2.49 0.53
N ALA A 28 -3.33 -2.35 -0.77
CA ALA A 28 -4.72 -2.16 -1.19
C ALA A 28 -5.11 -3.43 -2.00
N ASP A 29 -6.25 -4.02 -1.60
CA ASP A 29 -6.71 -5.19 -2.36
C ASP A 29 -7.23 -4.74 -3.73
N ASN A 30 -7.84 -3.58 -3.84
CA ASN A 30 -8.57 -3.22 -5.04
C ASN A 30 -8.08 -1.91 -5.61
N THR A 31 -8.40 -1.72 -6.87
CA THR A 31 -8.05 -0.52 -7.64
C THR A 31 -9.23 0.43 -7.63
N ILE A 32 -9.00 1.72 -7.41
CA ILE A 32 -10.13 2.66 -7.26
C ILE A 32 -9.69 3.99 -7.86
N PHE A 33 -10.57 4.61 -8.66
CA PHE A 33 -10.36 5.95 -9.24
C PHE A 33 -11.56 6.83 -8.94
N GLU A 34 -11.30 8.12 -8.73
CA GLU A 34 -12.34 9.13 -8.71
CA GLU A 34 -12.40 9.07 -8.77
C GLU A 34 -12.28 9.91 -10.04
N ASP A 35 -13.46 10.41 -10.42
N ASP A 35 -13.33 10.60 -10.44
CA ASP A 35 -13.54 11.39 -11.51
CA ASP A 35 -13.19 11.47 -11.65
C ASP A 35 -13.15 10.76 -12.85
C ASP A 35 -12.80 10.64 -12.86
N ILE A 36 -13.48 9.51 -13.05
CA ILE A 36 -13.42 8.86 -14.39
C ILE A 36 -14.86 8.46 -14.68
N ASN A 37 -15.16 8.26 -15.97
CA ASN A 37 -16.49 7.84 -16.39
C ASN A 37 -16.32 6.53 -17.14
N LEU A 38 -16.90 5.43 -16.63
CA LEU A 38 -16.73 4.15 -17.33
C LEU A 38 -18.14 3.74 -17.83
N PRO A 39 -18.17 3.11 -19.02
CA PRO A 39 -19.46 2.78 -19.60
C PRO A 39 -19.99 1.42 -19.14
N GLY A 40 -21.28 1.15 -19.37
CA GLY A 40 -21.77 -0.18 -19.07
C GLY A 40 -22.28 -0.36 -17.66
N ARG A 41 -22.63 -1.60 -17.32
CA ARG A 41 -23.25 -1.79 -16.01
CA ARG A 41 -23.23 -1.86 -16.03
C ARG A 41 -22.15 -2.00 -14.95
N TRP A 42 -22.56 -1.81 -13.72
CA TRP A 42 -21.63 -1.98 -12.61
C TRP A 42 -22.34 -2.69 -11.46
N LYS A 43 -21.63 -3.13 -10.41
CA LYS A 43 -22.32 -3.65 -9.20
C LYS A 43 -21.96 -2.71 -8.05
N PRO A 44 -22.94 -2.35 -7.19
CA PRO A 44 -22.53 -1.52 -6.04
C PRO A 44 -21.66 -2.34 -5.11
N LYS A 45 -20.74 -1.69 -4.45
CA LYS A 45 -19.81 -2.34 -3.59
C LYS A 45 -19.63 -1.44 -2.40
N MET A 46 -19.71 -2.04 -1.21
CA MET A 46 -19.51 -1.28 -0.02
C MET A 46 -18.09 -1.46 0.42
N VAL A 47 -17.34 -0.39 0.50
CA VAL A 47 -15.92 -0.51 0.92
C VAL A 47 -15.59 0.35 2.14
N GLY A 48 -14.33 0.31 2.62
CA GLY A 48 -13.98 1.14 3.82
C GLY A 48 -14.58 0.53 5.11
N GLY A 49 -15.07 1.34 6.03
CA GLY A 49 -15.46 0.78 7.40
C GLY A 49 -15.28 1.76 8.54
N ILE A 50 -14.44 2.77 8.32
CA ILE A 50 -14.17 3.71 9.34
C ILE A 50 -15.20 4.84 9.31
N GLY A 51 -16.04 4.88 10.34
CA GLY A 51 -17.02 5.98 10.51
C GLY A 51 -18.25 5.65 9.67
N GLY A 52 -18.28 4.42 9.14
CA GLY A 52 -19.27 3.95 8.15
C GLY A 52 -18.65 3.26 6.95
N PHE A 53 -19.49 2.82 5.99
CA PHE A 53 -19.00 2.17 4.77
C PHE A 53 -19.23 3.12 3.61
N LEU A 54 -18.39 3.06 2.59
CA LEU A 54 -18.52 3.95 1.38
C LEU A 54 -19.10 3.08 0.25
N LYS A 55 -20.11 3.62 -0.45
CA LYS A 55 -20.69 2.94 -1.58
C LYS A 55 -19.95 3.37 -2.82
N VAL A 56 -19.40 2.42 -3.58
CA VAL A 56 -18.72 2.68 -4.83
C VAL A 56 -19.28 1.78 -5.95
N ARG A 57 -18.85 2.04 -7.19
CA ARG A 57 -19.37 1.28 -8.31
C ARG A 57 -18.31 0.40 -8.84
N GLU A 58 -18.60 -0.93 -8.90
CA GLU A 58 -17.61 -1.86 -9.36
C GLU A 58 -17.82 -2.24 -10.80
N TYR A 59 -16.80 -1.96 -11.60
CA TYR A 59 -16.79 -2.31 -13.01
C TYR A 59 -15.88 -3.44 -13.26
N ASP A 60 -16.39 -4.43 -14.04
CA ASP A 60 -15.57 -5.61 -14.40
C ASP A 60 -14.94 -5.45 -15.81
N GLN A 61 -13.76 -6.03 -15.96
CA GLN A 61 -13.13 -6.19 -17.30
C GLN A 61 -12.90 -4.84 -18.02
N VAL A 62 -12.31 -3.91 -17.28
CA VAL A 62 -12.03 -2.56 -17.75
C VAL A 62 -10.64 -2.56 -18.30
N PRO A 63 -10.47 -1.96 -19.48
CA PRO A 63 -9.10 -1.90 -20.01
C PRO A 63 -8.21 -0.89 -19.25
N ILE A 64 -7.01 -1.34 -18.88
CA ILE A 64 -6.05 -0.57 -18.16
C ILE A 64 -4.69 -0.70 -18.81
N GLU A 65 -4.02 0.45 -18.94
CA GLU A 65 -2.70 0.49 -19.51
C GLU A 65 -1.73 1.17 -18.55
N ILE A 66 -0.66 0.46 -18.23
CA ILE A 66 0.41 0.98 -17.37
C ILE A 66 1.78 0.59 -17.97
N ALA A 67 2.54 1.63 -18.28
CA ALA A 67 3.90 1.50 -18.77
C ALA A 67 3.90 0.62 -20.01
N GLY A 68 2.94 0.84 -20.91
CA GLY A 68 2.89 -0.02 -22.13
C GLY A 68 2.26 -1.38 -21.99
N HIS A 69 1.90 -1.78 -20.78
CA HIS A 69 1.24 -3.08 -20.60
C HIS A 69 -0.28 -2.85 -20.62
N LYS A 70 -0.97 -3.49 -21.58
CA LYS A 70 -2.43 -3.34 -21.67
C LYS A 70 -3.04 -4.58 -21.04
N VAL A 71 -3.84 -4.35 -20.01
CA VAL A 71 -4.45 -5.47 -19.25
C VAL A 71 -5.93 -5.17 -19.03
N ILE A 72 -6.60 -6.14 -18.46
CA ILE A 72 -7.97 -5.87 -18.06
CA ILE A 72 -8.01 -6.05 -18.09
C ILE A 72 -8.15 -6.19 -16.59
N GLY A 73 -8.95 -5.34 -15.92
CA GLY A 73 -9.15 -5.64 -14.49
C GLY A 73 -10.44 -5.05 -13.98
N THR A 74 -10.74 -5.37 -12.74
CA THR A 74 -11.84 -4.75 -11.99
C THR A 74 -11.41 -3.37 -11.51
N VAL A 75 -12.31 -2.38 -11.70
CA VAL A 75 -12.02 -1.01 -11.27
C VAL A 75 -13.20 -0.50 -10.48
N LEU A 76 -12.92 0.05 -9.32
CA LEU A 76 -13.98 0.72 -8.56
C LEU A 76 -13.94 2.19 -8.90
N VAL A 77 -15.09 2.83 -8.93
CA VAL A 77 -15.16 4.26 -9.19
C VAL A 77 -15.89 4.83 -7.99
N GLY A 78 -15.22 5.75 -7.31
CA GLY A 78 -15.89 6.39 -6.17
C GLY A 78 -14.91 7.36 -5.57
N PRO A 79 -15.33 8.06 -4.51
CA PRO A 79 -14.40 9.08 -3.85
C PRO A 79 -13.16 8.39 -3.25
N THR A 80 -11.99 8.95 -3.51
CA THR A 80 -10.72 8.46 -2.97
C THR A 80 -9.75 9.65 -2.95
N PRO A 81 -9.03 9.83 -1.80
CA PRO A 81 -8.01 10.88 -1.62
C PRO A 81 -6.97 10.83 -2.76
N VAL A 82 -6.50 9.64 -3.17
CA VAL A 82 -5.72 9.53 -4.38
C VAL A 82 -6.19 8.30 -5.10
N ASN A 83 -5.89 8.24 -6.37
CA ASN A 83 -6.22 7.04 -7.17
C ASN A 83 -5.25 5.90 -6.84
N VAL A 84 -5.78 4.67 -6.72
CA VAL A 84 -5.03 3.57 -6.22
C VAL A 84 -5.02 2.45 -7.25
N ILE A 85 -3.81 1.97 -7.55
CA ILE A 85 -3.67 0.69 -8.26
C ILE A 85 -3.40 -0.39 -7.23
N GLY A 86 -4.39 -1.22 -6.97
CA GLY A 86 -4.21 -2.26 -5.93
C GLY A 86 -3.65 -3.56 -6.45
N ARG A 87 -3.61 -4.60 -5.59
CA ARG A 87 -2.99 -5.86 -5.98
C ARG A 87 -3.80 -6.54 -7.11
N ASP A 88 -5.09 -6.27 -7.21
CA ASP A 88 -5.92 -6.87 -8.33
C ASP A 88 -5.30 -6.50 -9.69
N THR A 89 -4.94 -5.23 -9.87
CA THR A 89 -4.36 -4.77 -11.15
C THR A 89 -2.89 -5.13 -11.20
N MET A 90 -2.17 -4.99 -10.08
CA MET A 90 -0.79 -5.44 -10.06
C MET A 90 -0.55 -6.91 -10.49
N THR A 91 -1.44 -7.84 -10.12
CA THR A 91 -1.29 -9.25 -10.55
C THR A 91 -1.53 -9.41 -12.05
N GLN A 92 -2.48 -8.65 -12.60
CA GLN A 92 -2.66 -8.58 -14.09
C GLN A 92 -1.41 -8.13 -14.85
N ILE A 93 -0.71 -7.13 -14.32
CA ILE A 93 0.50 -6.64 -15.00
C ILE A 93 1.73 -7.44 -14.65
N GLY A 94 1.61 -8.38 -13.70
CA GLY A 94 2.74 -9.23 -13.42
C GLY A 94 3.73 -8.59 -12.45
N ALA A 95 3.24 -7.67 -11.59
CA ALA A 95 4.22 -6.93 -10.70
C ALA A 95 4.52 -7.78 -9.48
N THR A 96 5.79 -7.80 -9.08
CA THR A 96 6.19 -8.48 -7.85
C THR A 96 7.00 -7.50 -7.00
N LEU A 97 7.04 -7.78 -5.68
CA LEU A 97 7.96 -7.13 -4.76
C LEU A 97 9.22 -7.95 -4.69
N ASN A 98 10.37 -7.30 -4.75
CA ASN A 98 11.65 -8.04 -4.75
C ASN A 98 12.66 -7.39 -3.80
N PHE A 99 13.36 -8.24 -3.02
CA PHE A 99 14.49 -7.78 -2.26
C PHE A 99 15.49 -8.89 -1.94
N PRO B 1 13.83 -12.40 -1.59
CA PRO B 1 12.67 -13.07 -2.09
C PRO B 1 11.99 -12.29 -3.23
N GLN B 2 11.14 -12.99 -3.96
CA GLN B 2 10.23 -12.41 -4.92
C GLN B 2 8.84 -12.78 -4.41
N ILE B 3 8.07 -11.74 -4.10
CA ILE B 3 6.75 -11.87 -3.53
C ILE B 3 5.73 -11.46 -4.53
N THR B 4 4.90 -12.41 -4.92
CA THR B 4 3.81 -12.16 -5.81
C THR B 4 2.67 -11.54 -4.99
N LEU B 5 1.70 -11.04 -5.70
CA LEU B 5 0.71 -10.15 -5.09
C LEU B 5 -0.69 -10.69 -5.12
N TRP B 6 -0.81 -12.01 -5.33
CA TRP B 6 -2.17 -12.67 -5.34
C TRP B 6 -2.82 -12.65 -3.96
N LYS B 7 -2.02 -12.69 -2.88
CA LYS B 7 -2.59 -12.48 -1.53
C LYS B 7 -1.91 -11.26 -0.92
N ARG B 8 -2.45 -10.82 0.22
CA ARG B 8 -1.81 -9.71 1.02
C ARG B 8 -0.41 -10.09 1.40
N PRO B 9 0.60 -9.25 1.06
CA PRO B 9 2.01 -9.64 1.31
C PRO B 9 2.44 -9.41 2.77
N PHE B 10 1.96 -10.30 3.65
CA PHE B 10 2.42 -10.35 5.05
C PHE B 10 3.75 -11.10 5.17
N VAL B 11 4.64 -10.58 6.00
CA VAL B 11 5.87 -11.28 6.29
C VAL B 11 6.09 -11.28 7.79
N THR B 12 6.86 -12.26 8.28
CA THR B 12 7.26 -12.26 9.67
C THR B 12 8.46 -11.29 9.77
N VAL B 13 8.47 -10.46 10.79
N VAL B 13 8.45 -10.48 10.82
CA VAL B 13 9.53 -9.47 10.96
CA VAL B 13 9.42 -9.40 11.06
C VAL B 13 9.92 -9.59 12.42
C VAL B 13 9.88 -9.36 12.52
N LYS B 14 11.19 -9.31 12.74
CA LYS B 14 11.69 -9.10 14.12
C LYS B 14 11.98 -7.60 14.23
N VAL B 15 11.29 -6.95 15.15
CA VAL B 15 11.42 -5.55 15.40
C VAL B 15 11.79 -5.26 16.86
N GLY B 16 12.95 -4.60 17.06
CA GLY B 16 13.35 -4.36 18.48
C GLY B 16 13.47 -5.69 19.23
N GLY B 17 13.87 -6.77 18.52
CA GLY B 17 13.93 -8.08 19.14
C GLY B 17 12.64 -8.89 19.31
N GLN B 18 11.50 -8.38 18.84
CA GLN B 18 10.19 -9.04 19.08
C GLN B 18 9.66 -9.48 17.72
N LEU B 19 9.14 -10.71 17.64
CA LEU B 19 8.62 -11.33 16.40
C LEU B 19 7.16 -10.94 16.17
N LYS B 20 6.86 -10.42 14.96
CA LYS B 20 5.53 -9.87 14.59
C LYS B 20 5.25 -10.22 13.12
N GLU B 21 3.98 -10.13 12.72
CA GLU B 21 3.63 -10.26 11.33
C GLU B 21 3.30 -8.85 10.87
N ALA B 22 3.66 -8.53 9.64
CA ALA B 22 3.32 -7.22 9.14
C ALA B 22 3.20 -7.21 7.63
N LEU B 23 2.46 -6.20 7.15
CA LEU B 23 2.12 -6.04 5.72
C LEU B 23 3.13 -5.22 4.94
N LEU B 24 3.68 -5.75 3.85
CA LEU B 24 4.56 -4.92 2.99
C LEU B 24 3.66 -4.02 2.18
N ASP B 25 3.80 -2.70 2.38
CA ASP B 25 2.70 -1.80 1.95
C ASP B 25 3.35 -0.61 1.24
N THR B 26 3.39 -0.66 -0.08
CA THR B 26 4.07 0.42 -0.81
C THR B 26 3.20 1.67 -0.83
N GLY B 27 1.94 1.58 -0.37
CA GLY B 27 1.09 2.76 -0.21
C GLY B 27 1.35 3.52 1.13
N ALA B 28 2.26 3.06 1.96
CA ALA B 28 2.45 3.66 3.33
C ALA B 28 3.81 4.28 3.37
N ASP B 29 3.85 5.55 3.83
CA ASP B 29 5.17 6.22 3.96
C ASP B 29 5.94 5.58 5.12
N ASN B 30 5.24 5.24 6.21
CA ASN B 30 5.94 4.89 7.42
C ASN B 30 5.67 3.48 7.83
N THR B 31 6.48 2.98 8.77
CA THR B 31 6.30 1.62 9.37
C THR B 31 5.68 1.82 10.73
N ILE B 32 4.64 1.05 11.02
CA ILE B 32 3.90 1.19 12.30
C ILE B 32 3.48 -0.14 12.83
N PHE B 33 3.70 -0.34 14.13
CA PHE B 33 3.30 -1.57 14.85
C PHE B 33 2.46 -1.16 16.03
N GLU B 34 1.50 -2.03 16.37
CA GLU B 34 0.75 -1.86 17.62
C GLU B 34 1.31 -2.94 18.57
N ASP B 35 1.32 -2.70 19.86
CA ASP B 35 1.67 -3.78 20.82
CA ASP B 35 1.65 -3.77 20.80
C ASP B 35 3.04 -4.40 20.57
N ILE B 36 4.01 -3.51 20.45
CA ILE B 36 5.39 -3.85 20.72
C ILE B 36 5.81 -2.85 21.78
N ASN B 37 6.90 -3.20 22.51
CA ASN B 37 7.51 -2.33 23.47
C ASN B 37 8.93 -1.99 23.01
N LEU B 38 9.21 -0.73 22.75
CA LEU B 38 10.57 -0.35 22.36
C LEU B 38 11.17 0.49 23.49
N PRO B 39 12.49 0.29 23.70
CA PRO B 39 13.16 1.09 24.71
C PRO B 39 13.68 2.38 24.15
N GLY B 40 14.16 3.22 25.04
CA GLY B 40 14.90 4.36 24.53
C GLY B 40 13.98 5.53 24.23
N ARG B 41 14.56 6.50 23.56
CA ARG B 41 13.93 7.80 23.39
C ARG B 41 12.81 7.74 22.31
N TRP B 42 11.71 8.45 22.54
CA TRP B 42 10.68 8.61 21.45
C TRP B 42 10.19 10.01 21.44
N LYS B 43 9.56 10.40 20.34
CA LYS B 43 8.86 11.68 20.31
C LYS B 43 7.47 11.38 19.78
N PRO B 44 6.46 12.12 20.26
CA PRO B 44 5.15 11.98 19.57
C PRO B 44 5.21 12.45 18.13
N LYS B 45 4.38 11.82 17.28
CA LYS B 45 4.30 12.22 15.88
C LYS B 45 2.85 12.13 15.50
N MET B 46 2.39 13.10 14.72
CA MET B 46 1.03 13.08 14.23
C MET B 46 1.04 12.53 12.82
N VAL B 47 0.25 11.51 12.59
CA VAL B 47 0.20 10.81 11.28
C VAL B 47 -1.25 10.67 10.74
N GLY B 48 -1.38 10.16 9.52
CA GLY B 48 -2.75 9.96 8.98
C GLY B 48 -3.24 11.34 8.59
N GLY B 49 -4.44 11.66 9.03
CA GLY B 49 -4.93 13.00 8.74
C GLY B 49 -6.36 13.02 8.24
N ILE B 50 -6.84 11.96 7.62
CA ILE B 50 -8.24 12.04 7.16
C ILE B 50 -9.15 11.66 8.35
N GLY B 51 -10.03 12.57 8.80
CA GLY B 51 -10.86 12.34 10.01
C GLY B 51 -10.21 12.97 11.24
N GLY B 52 -9.01 13.50 11.05
CA GLY B 52 -8.23 13.88 12.20
C GLY B 52 -6.92 13.15 12.10
N PHE B 53 -5.99 13.61 12.89
CA PHE B 53 -4.69 12.98 12.85
C PHE B 53 -4.60 12.06 14.07
N LEU B 54 -3.76 11.05 13.91
CA LEU B 54 -3.52 10.06 15.00
C LEU B 54 -2.17 10.35 15.65
N LYS B 55 -2.10 10.34 17.00
CA LYS B 55 -0.81 10.54 17.74
CA LYS B 55 -0.80 10.52 17.70
C LYS B 55 -0.13 9.15 17.93
N VAL B 56 1.14 9.04 17.53
CA VAL B 56 1.88 7.78 17.71
C VAL B 56 3.24 8.12 18.35
N ARG B 57 3.93 7.09 18.84
CA ARG B 57 5.34 7.31 19.33
C ARG B 57 6.31 6.95 18.19
N GLU B 58 7.22 7.90 17.87
CA GLU B 58 8.24 7.66 16.87
C GLU B 58 9.56 7.27 17.53
N TYR B 59 10.11 6.10 17.14
CA TYR B 59 11.45 5.62 17.59
C TYR B 59 12.40 5.61 16.45
N ASP B 60 13.64 6.06 16.69
CA ASP B 60 14.64 6.01 15.62
C ASP B 60 15.64 4.87 15.65
N GLN B 61 16.13 4.55 14.46
CA GLN B 61 17.19 3.62 14.29
C GLN B 61 16.93 2.30 15.04
N VAL B 62 15.73 1.76 14.83
CA VAL B 62 15.32 0.54 15.53
C VAL B 62 15.79 -0.57 14.69
N PRO B 63 16.33 -1.63 15.31
CA PRO B 63 16.70 -2.77 14.52
C PRO B 63 15.52 -3.58 13.97
N ILE B 64 15.53 -3.87 12.68
CA ILE B 64 14.46 -4.58 12.03
C ILE B 64 15.04 -5.67 11.16
N GLU B 65 14.40 -6.81 11.19
CA GLU B 65 14.93 -7.88 10.42
C GLU B 65 13.79 -8.53 9.65
N ILE B 66 13.98 -8.79 8.36
CA ILE B 66 12.95 -9.43 7.51
C ILE B 66 13.65 -10.34 6.54
N ALA B 67 13.25 -11.62 6.50
CA ALA B 67 13.90 -12.63 5.65
C ALA B 67 15.43 -12.62 5.78
N GLY B 68 15.91 -12.49 7.01
CA GLY B 68 17.35 -12.56 7.25
C GLY B 68 18.13 -11.28 6.94
N HIS B 69 17.44 -10.22 6.48
CA HIS B 69 18.05 -8.92 6.22
CA HIS B 69 18.11 -8.97 6.24
C HIS B 69 17.89 -8.08 7.46
N LYS B 70 18.99 -7.67 8.09
CA LYS B 70 18.97 -6.86 9.31
C LYS B 70 19.25 -5.44 8.88
N VAL B 71 18.29 -4.59 9.16
CA VAL B 71 18.42 -3.19 8.86
C VAL B 71 18.09 -2.32 10.08
N ILE B 72 18.22 -1.02 9.90
CA ILE B 72 17.80 -0.11 10.93
C ILE B 72 16.80 0.93 10.37
N GLY B 73 15.76 1.20 11.14
CA GLY B 73 14.78 2.12 10.61
C GLY B 73 14.00 2.86 11.65
N THR B 74 13.28 3.88 11.20
CA THR B 74 12.30 4.53 12.04
C THR B 74 11.08 3.63 12.23
N VAL B 75 10.57 3.53 13.47
CA VAL B 75 9.40 2.67 13.68
C VAL B 75 8.45 3.49 14.50
N LEU B 76 7.16 3.50 14.12
CA LEU B 76 6.14 4.22 14.89
C LEU B 76 5.38 3.14 15.65
N VAL B 77 4.98 3.50 16.88
CA VAL B 77 4.21 2.53 17.68
C VAL B 77 2.93 3.22 18.06
N GLY B 78 1.80 2.58 17.65
CA GLY B 78 0.50 3.11 18.00
C GLY B 78 -0.57 2.32 17.31
N PRO B 79 -1.80 2.82 17.43
CA PRO B 79 -2.92 2.05 16.91
C PRO B 79 -2.88 1.84 15.37
N THR B 80 -3.06 0.60 14.92
CA THR B 80 -3.06 0.28 13.50
C THR B 80 -3.75 -1.07 13.39
N PRO B 81 -4.63 -1.22 12.42
CA PRO B 81 -5.40 -2.48 12.27
C PRO B 81 -4.57 -3.65 11.92
N VAL B 82 -3.48 -3.43 11.16
CA VAL B 82 -2.49 -4.48 10.91
C VAL B 82 -1.14 -3.74 11.04
N ASN B 83 -0.10 -4.47 11.34
CA ASN B 83 1.22 -3.83 11.45
C ASN B 83 1.68 -3.61 10.02
N VAL B 84 2.44 -2.53 9.77
CA VAL B 84 2.71 -2.11 8.39
C VAL B 84 4.21 -1.88 8.22
N ILE B 85 4.76 -2.46 7.14
CA ILE B 85 6.18 -2.21 6.75
C ILE B 85 6.02 -1.19 5.59
N GLY B 86 6.38 0.09 5.83
CA GLY B 86 6.15 1.05 4.80
C GLY B 86 7.42 1.28 4.01
N ARG B 87 7.36 2.33 3.20
CA ARG B 87 8.48 2.59 2.27
C ARG B 87 9.77 2.89 2.99
N ASP B 88 9.70 3.56 4.14
CA ASP B 88 10.94 3.87 4.99
C ASP B 88 11.75 2.57 5.21
N THR B 89 11.09 1.46 5.60
CA THR B 89 11.82 0.22 5.85
C THR B 89 12.14 -0.50 4.55
N MET B 90 11.22 -0.41 3.54
CA MET B 90 11.47 -1.17 2.30
CA MET B 90 11.42 -1.12 2.28
C MET B 90 12.69 -0.60 1.56
N THR B 91 12.92 0.71 1.61
CA THR B 91 14.15 1.25 0.96
C THR B 91 15.37 0.72 1.70
N GLN B 92 15.29 0.53 3.03
CA GLN B 92 16.47 0.02 3.77
C GLN B 92 16.78 -1.42 3.38
N ILE B 93 15.76 -2.28 3.17
CA ILE B 93 16.03 -3.63 2.72
C ILE B 93 16.28 -3.76 1.24
N GLY B 94 16.07 -2.70 0.46
CA GLY B 94 16.39 -2.75 -0.98
C GLY B 94 15.25 -3.33 -1.82
N ALA B 95 14.03 -3.21 -1.30
CA ALA B 95 12.86 -3.74 -2.02
C ALA B 95 12.45 -2.86 -3.18
N THR B 96 12.08 -3.50 -4.29
CA THR B 96 11.62 -2.76 -5.44
C THR B 96 10.34 -3.42 -5.92
N LEU B 97 9.59 -2.65 -6.70
CA LEU B 97 8.45 -3.25 -7.44
C LEU B 97 8.92 -3.49 -8.87
N ASN B 98 8.51 -4.60 -9.41
CA ASN B 98 9.07 -5.00 -10.73
C ASN B 98 7.97 -5.59 -11.60
N PHE B 99 7.90 -5.13 -12.86
CA PHE B 99 7.03 -5.77 -13.87
C PHE B 99 7.51 -5.46 -15.26
Y Y1 C . -12.39 14.04 -4.49
Y Y1 D . -3.27 2.19 2.95
C1 GOL E . 13.11 -12.86 11.83
O1 GOL E . 12.70 -14.09 12.37
C2 GOL E . 12.55 -12.89 10.41
O2 GOL E . 11.76 -14.07 10.22
C3 GOL E . 13.69 -13.06 9.42
O3 GOL E . 14.86 -12.39 9.77
#